data_3AAM
#
_entry.id   3AAM
#
_cell.length_a   36.646
_cell.length_b   85.273
_cell.length_c   36.580
_cell.angle_alpha   90.000
_cell.angle_beta   105.370
_cell.angle_gamma   90.000
#
_symmetry.space_group_name_H-M   'P 1 21 1'
#
loop_
_entity.id
_entity.type
_entity.pdbx_description
1 polymer 'Endonuclease IV'
2 non-polymer 'MANGANESE (II) ION'
3 non-polymer 'PHOSPHATE ION'
4 water water
#
_entity_poly.entity_id   1
_entity_poly.type   'polypeptide(L)'
_entity_poly.pdbx_seq_one_letter_code
;MPRYGFHLSIAGKKGVAGAVEEATALGLTAFQIFAKSPRSWRPRALSPAEVEAFRALREASGGLPAVIHASYLVNLGAEG
ELWEKSVASLADDLEKAALLGVEYVVVHPGSGRPERVKEGALKALRLAGVRSRPVLLVENTAGGGEKVGARFEELAWLVA
DTPLQVCLDTCHAYAAGYDVAEDPLGVLDALDRAVGLERVPVVHLNDSVGGLGSRVDHHAHLLQGKIGEGLKRVFLDPRL
KDRVFILETPRGPEEDAWNLRVFRAWLEEA
;
_entity_poly.pdbx_strand_id   A
#
# COMPACT_ATOMS: atom_id res chain seq x y z
N PRO A 2 -7.77 -2.95 -14.69
CA PRO A 2 -7.00 -2.60 -13.47
C PRO A 2 -5.59 -3.17 -13.50
N ARG A 3 -4.64 -2.39 -12.99
CA ARG A 3 -3.24 -2.81 -12.95
C ARG A 3 -3.00 -3.67 -11.71
N TYR A 4 -2.04 -4.59 -11.80
CA TYR A 4 -1.76 -5.49 -10.70
C TYR A 4 -0.27 -5.78 -10.53
N GLY A 5 0.12 -6.06 -9.30
CA GLY A 5 1.53 -6.35 -9.05
C GLY A 5 1.78 -6.88 -7.66
N PHE A 6 3.06 -7.08 -7.36
CA PHE A 6 3.51 -7.59 -6.07
C PHE A 6 4.47 -6.60 -5.44
N HIS A 7 4.92 -6.94 -4.23
CA HIS A 7 5.91 -6.15 -3.55
C HIS A 7 7.21 -6.83 -3.95
N LEU A 8 8.09 -6.08 -4.59
CA LEU A 8 9.37 -6.59 -5.08
C LEU A 8 10.55 -6.14 -4.22
N SER A 9 11.60 -6.95 -4.22
CA SER A 9 12.80 -6.67 -3.45
C SER A 9 13.72 -5.64 -4.11
N ILE A 10 14.44 -4.90 -3.28
CA ILE A 10 15.38 -3.91 -3.80
C ILE A 10 16.79 -4.24 -3.31
N ALA A 11 16.93 -5.40 -2.66
CA ALA A 11 18.22 -5.83 -2.15
C ALA A 11 19.12 -6.29 -3.29
N GLY A 12 20.42 -6.31 -3.04
CA GLY A 12 21.34 -6.76 -4.08
C GLY A 12 21.97 -5.64 -4.91
N LYS A 13 22.86 -6.03 -5.80
CA LYS A 13 23.59 -5.10 -6.67
C LYS A 13 22.73 -4.34 -7.67
N LYS A 14 21.52 -4.83 -7.93
CA LYS A 14 20.62 -4.16 -8.88
C LYS A 14 19.87 -3.01 -8.21
N GLY A 15 19.86 -3.00 -6.88
CA GLY A 15 19.16 -1.94 -6.16
C GLY A 15 17.71 -1.80 -6.57
N VAL A 16 17.19 -0.58 -6.54
CA VAL A 16 15.80 -0.35 -6.92
C VAL A 16 15.56 -0.63 -8.41
N ALA A 17 16.62 -0.54 -9.20
CA ALA A 17 16.50 -0.81 -10.63
C ALA A 17 16.13 -2.28 -10.84
N GLY A 18 16.61 -3.14 -9.95
CA GLY A 18 16.30 -4.55 -10.06
C GLY A 18 14.82 -4.84 -9.98
N ALA A 19 14.11 -4.04 -9.18
CA ALA A 19 12.67 -4.23 -9.03
C ALA A 19 11.95 -3.91 -10.33
N VAL A 20 12.39 -2.85 -11.00
CA VAL A 20 11.76 -2.48 -12.27
C VAL A 20 11.95 -3.64 -13.26
N GLU A 21 13.16 -4.19 -13.31
CA GLU A 21 13.44 -5.30 -14.22
C GLU A 21 12.60 -6.53 -13.91
N GLU A 22 12.45 -6.84 -12.63
CA GLU A 22 11.67 -8.00 -12.24
C GLU A 22 10.19 -7.82 -12.57
N ALA A 23 9.70 -6.59 -12.44
CA ALA A 23 8.31 -6.32 -12.77
C ALA A 23 8.08 -6.59 -14.25
N THR A 24 9.01 -6.16 -15.09
CA THR A 24 8.89 -6.40 -16.52
C THR A 24 8.98 -7.89 -16.84
N ALA A 25 9.92 -8.56 -16.18
CA ALA A 25 10.13 -9.98 -16.40
C ALA A 25 8.91 -10.82 -16.02
N LEU A 26 8.27 -10.44 -14.92
CA LEU A 26 7.09 -11.17 -14.46
C LEU A 26 5.84 -10.80 -15.25
N GLY A 27 5.87 -9.64 -15.91
CA GLY A 27 4.72 -9.21 -16.67
C GLY A 27 3.72 -8.46 -15.81
N LEU A 28 4.20 -7.85 -14.72
CA LEU A 28 3.32 -7.09 -13.84
C LEU A 28 2.95 -5.76 -14.50
N THR A 29 1.86 -5.15 -14.06
CA THR A 29 1.46 -3.86 -14.61
C THR A 29 1.49 -2.77 -13.55
N ALA A 30 2.12 -3.10 -12.42
CA ALA A 30 2.29 -2.20 -11.30
C ALA A 30 3.18 -2.92 -10.30
N PHE A 31 3.85 -2.18 -9.42
CA PHE A 31 4.68 -2.80 -8.41
C PHE A 31 4.91 -1.91 -7.20
N GLN A 32 5.38 -2.54 -6.12
CA GLN A 32 5.63 -1.86 -4.87
C GLN A 32 6.99 -2.28 -4.32
N ILE A 33 7.66 -1.35 -3.66
CA ILE A 33 8.97 -1.61 -3.05
C ILE A 33 9.08 -0.81 -1.76
N PHE A 34 10.13 -1.10 -1.00
CA PHE A 34 10.42 -0.36 0.22
C PHE A 34 11.50 0.62 -0.24
N ALA A 35 11.77 1.65 0.56
CA ALA A 35 12.80 2.63 0.22
C ALA A 35 14.10 2.27 0.96
N LYS A 36 14.00 1.29 1.84
CA LYS A 36 15.13 0.77 2.62
C LYS A 36 14.64 -0.46 3.36
N SER A 37 15.57 -1.23 3.92
CA SER A 37 15.18 -2.44 4.64
C SER A 37 14.18 -2.06 5.73
N PRO A 38 13.04 -2.76 5.78
CA PRO A 38 12.00 -2.49 6.78
C PRO A 38 12.39 -2.88 8.20
N ARG A 39 13.43 -3.70 8.32
CA ARG A 39 13.90 -4.15 9.62
C ARG A 39 14.78 -3.14 10.35
N SER A 40 15.25 -2.13 9.64
CA SER A 40 16.11 -1.12 10.26
C SER A 40 15.66 0.31 9.98
N TRP A 41 15.98 1.21 10.89
CA TRP A 41 15.62 2.61 10.76
C TRP A 41 16.56 3.40 9.84
N ARG A 42 17.75 2.85 9.62
CA ARG A 42 18.75 3.51 8.78
C ARG A 42 18.31 3.72 7.34
N PRO A 43 18.38 4.97 6.85
CA PRO A 43 17.97 5.24 5.47
C PRO A 43 18.96 4.60 4.50
N ARG A 44 18.48 4.22 3.33
CA ARG A 44 19.33 3.59 2.32
C ARG A 44 19.79 4.61 1.28
N ALA A 45 21.10 4.73 1.14
CA ALA A 45 21.67 5.68 0.18
C ALA A 45 21.16 5.41 -1.22
N LEU A 46 20.76 6.48 -1.90
CA LEU A 46 20.25 6.37 -3.26
C LEU A 46 21.09 7.31 -4.13
N SER A 47 21.99 6.72 -4.92
CA SER A 47 22.88 7.48 -5.80
C SER A 47 22.18 8.03 -7.03
N PRO A 48 22.71 9.13 -7.61
CA PRO A 48 22.11 9.71 -8.80
C PRO A 48 22.06 8.72 -9.96
N ALA A 49 23.07 7.86 -10.03
CA ALA A 49 23.14 6.86 -11.09
C ALA A 49 22.01 5.85 -10.93
N GLU A 50 21.72 5.47 -9.69
CA GLU A 50 20.63 4.52 -9.44
C GLU A 50 19.30 5.18 -9.77
N VAL A 51 19.17 6.46 -9.44
CA VAL A 51 17.94 7.19 -9.72
C VAL A 51 17.71 7.21 -11.23
N GLU A 52 18.76 7.52 -11.99
CA GLU A 52 18.67 7.57 -13.44
C GLU A 52 18.30 6.22 -14.02
N ALA A 53 18.89 5.15 -13.49
CA ALA A 53 18.62 3.81 -13.98
C ALA A 53 17.17 3.41 -13.71
N PHE A 54 16.68 3.72 -12.51
CA PHE A 54 15.31 3.40 -12.12
C PHE A 54 14.33 4.08 -13.06
N ARG A 55 14.48 5.38 -13.23
CA ARG A 55 13.59 6.15 -14.10
C ARG A 55 13.67 5.69 -15.55
N ALA A 56 14.89 5.50 -16.06
CA ALA A 56 15.07 5.08 -17.45
C ALA A 56 14.46 3.71 -17.70
N LEU A 57 14.70 2.78 -16.78
CA LEU A 57 14.17 1.44 -16.92
C LEU A 57 12.65 1.46 -16.85
N ARG A 58 12.10 2.23 -15.92
CA ARG A 58 10.65 2.31 -15.77
C ARG A 58 9.98 2.87 -17.02
N GLU A 59 10.49 4.01 -17.48
CA GLU A 59 9.92 4.67 -18.65
C GLU A 59 10.03 3.83 -19.94
N ALA A 60 11.09 3.04 -20.05
CA ALA A 60 11.29 2.21 -21.24
C ALA A 60 10.36 1.00 -21.31
N SER A 61 9.90 0.53 -20.17
CA SER A 61 9.03 -0.63 -20.17
C SER A 61 7.63 -0.38 -19.61
N GLY A 62 6.94 0.61 -20.17
CA GLY A 62 5.58 0.89 -19.74
C GLY A 62 5.32 1.92 -18.66
N GLY A 63 6.36 2.38 -17.98
CA GLY A 63 6.14 3.36 -16.92
C GLY A 63 5.10 2.87 -15.93
N LEU A 64 5.25 1.62 -15.50
CA LEU A 64 4.33 1.00 -14.57
C LEU A 64 4.21 1.78 -13.27
N PRO A 65 2.97 1.96 -12.79
CA PRO A 65 2.74 2.69 -11.54
C PRO A 65 3.53 2.01 -10.43
N ALA A 66 4.16 2.82 -9.60
CA ALA A 66 4.96 2.29 -8.51
C ALA A 66 4.50 2.86 -7.18
N VAL A 67 4.71 2.08 -6.12
CA VAL A 67 4.32 2.48 -4.78
C VAL A 67 5.46 2.15 -3.84
N ILE A 68 5.77 3.06 -2.92
CA ILE A 68 6.79 2.82 -1.93
C ILE A 68 6.05 2.60 -0.61
N HIS A 69 6.33 1.47 0.04
CA HIS A 69 5.69 1.15 1.31
C HIS A 69 6.62 1.55 2.45
N ALA A 70 6.07 2.22 3.46
CA ALA A 70 6.86 2.61 4.63
C ALA A 70 7.05 1.37 5.48
N SER A 71 8.06 1.37 6.34
CA SER A 71 8.29 0.19 7.19
C SER A 71 7.21 0.04 8.24
N TYR A 72 7.05 -1.19 8.74
CA TYR A 72 6.07 -1.47 9.76
C TYR A 72 6.53 -0.80 11.06
N LEU A 73 7.81 -0.42 11.08
CA LEU A 73 8.40 0.24 12.25
C LEU A 73 7.77 1.59 12.50
N VAL A 74 7.30 2.23 11.44
CA VAL A 74 6.70 3.54 11.57
C VAL A 74 5.40 3.53 12.37
N ASN A 75 5.35 4.31 13.43
CA ASN A 75 4.14 4.42 14.25
C ASN A 75 3.85 5.88 14.50
N LEU A 76 3.04 6.47 13.62
CA LEU A 76 2.69 7.87 13.72
C LEU A 76 1.79 8.19 14.92
N GLY A 77 1.37 7.16 15.65
CA GLY A 77 0.52 7.38 16.80
C GLY A 77 1.28 7.34 18.11
N ALA A 78 2.58 7.04 18.05
CA ALA A 78 3.40 6.95 19.24
C ALA A 78 3.47 8.26 20.01
N GLU A 79 3.39 8.16 21.34
CA GLU A 79 3.48 9.34 22.20
C GLU A 79 4.94 9.61 22.52
N GLY A 80 5.73 8.54 22.60
CA GLY A 80 7.15 8.67 22.91
C GLY A 80 7.98 9.12 21.73
N GLU A 81 9.30 9.12 21.92
CA GLU A 81 10.24 9.54 20.89
C GLU A 81 10.21 8.65 19.64
N LEU A 82 9.51 7.52 19.74
CA LEU A 82 9.36 6.64 18.60
C LEU A 82 8.63 7.44 17.52
N TRP A 83 7.87 8.45 17.95
CA TRP A 83 7.13 9.30 17.02
C TRP A 83 8.10 10.05 16.11
N GLU A 84 9.10 10.70 16.72
CA GLU A 84 10.09 11.45 15.95
C GLU A 84 10.82 10.53 14.97
N LYS A 85 11.18 9.34 15.44
CA LYS A 85 11.87 8.40 14.58
C LYS A 85 10.98 7.99 13.41
N SER A 86 9.70 7.78 13.71
CA SER A 86 8.72 7.38 12.70
C SER A 86 8.47 8.48 11.67
N VAL A 87 8.30 9.71 12.16
CA VAL A 87 8.06 10.84 11.27
C VAL A 87 9.26 11.03 10.33
N ALA A 88 10.46 10.97 10.89
CA ALA A 88 11.67 11.13 10.10
C ALA A 88 11.83 10.01 9.07
N SER A 89 11.47 8.79 9.46
CA SER A 89 11.59 7.66 8.54
C SER A 89 10.61 7.80 7.37
N LEU A 90 9.39 8.24 7.67
CA LEU A 90 8.38 8.42 6.64
C LEU A 90 8.79 9.56 5.71
N ALA A 91 9.42 10.59 6.27
CA ALA A 91 9.87 11.72 5.46
C ALA A 91 10.91 11.21 4.47
N ASP A 92 11.75 10.28 4.92
CA ASP A 92 12.77 9.71 4.06
C ASP A 92 12.10 8.95 2.91
N ASP A 93 11.05 8.18 3.22
CA ASP A 93 10.34 7.45 2.18
C ASP A 93 9.81 8.40 1.13
N LEU A 94 9.24 9.52 1.57
CA LEU A 94 8.67 10.50 0.66
C LEU A 94 9.74 11.18 -0.20
N GLU A 95 10.88 11.49 0.42
CA GLU A 95 11.98 12.14 -0.28
C GLU A 95 12.56 11.18 -1.33
N LYS A 96 12.70 9.92 -0.97
CA LYS A 96 13.24 8.92 -1.89
C LYS A 96 12.25 8.73 -3.04
N ALA A 97 10.96 8.69 -2.72
CA ALA A 97 9.94 8.52 -3.74
C ALA A 97 9.98 9.69 -4.73
N ALA A 98 10.16 10.91 -4.22
CA ALA A 98 10.22 12.08 -5.07
C ALA A 98 11.41 11.97 -6.05
N LEU A 99 12.55 11.54 -5.53
CA LEU A 99 13.74 11.39 -6.37
C LEU A 99 13.52 10.35 -7.45
N LEU A 100 12.89 9.25 -7.08
CA LEU A 100 12.64 8.16 -8.03
C LEU A 100 11.48 8.41 -8.98
N GLY A 101 10.64 9.39 -8.67
CA GLY A 101 9.49 9.67 -9.52
C GLY A 101 8.34 8.73 -9.20
N VAL A 102 8.39 8.12 -8.01
CA VAL A 102 7.34 7.21 -7.56
C VAL A 102 6.19 8.08 -7.08
N GLU A 103 4.99 7.88 -7.64
CA GLU A 103 3.85 8.71 -7.28
C GLU A 103 3.19 8.48 -5.92
N TYR A 104 3.36 7.30 -5.34
CA TYR A 104 2.72 7.02 -4.06
C TYR A 104 3.60 6.39 -2.98
N VAL A 105 3.33 6.78 -1.74
CA VAL A 105 4.00 6.22 -0.57
C VAL A 105 2.84 5.82 0.34
N VAL A 106 2.83 4.58 0.82
CA VAL A 106 1.76 4.09 1.66
C VAL A 106 2.28 3.70 3.04
N VAL A 107 1.52 4.04 4.07
CA VAL A 107 1.92 3.75 5.45
C VAL A 107 0.73 3.34 6.28
N HIS A 108 0.96 2.49 7.29
CA HIS A 108 -0.16 2.13 8.15
C HIS A 108 -0.25 3.28 9.16
N PRO A 109 -1.46 3.60 9.63
CA PRO A 109 -1.69 4.69 10.59
C PRO A 109 -0.91 4.63 11.90
N GLY A 110 -0.79 3.43 12.45
CA GLY A 110 -0.08 3.27 13.71
C GLY A 110 -1.10 3.07 14.83
N SER A 111 -0.66 3.24 16.06
CA SER A 111 -1.55 3.06 17.21
C SER A 111 -1.46 4.22 18.18
N GLY A 112 -2.63 4.65 18.66
CA GLY A 112 -2.69 5.77 19.60
C GLY A 112 -3.85 6.70 19.26
N ARG A 113 -3.71 7.98 19.60
CA ARG A 113 -4.74 8.96 19.31
C ARG A 113 -4.77 9.26 17.82
N PRO A 114 -5.96 9.25 17.19
CA PRO A 114 -6.02 9.54 15.77
C PRO A 114 -5.40 10.91 15.46
N GLU A 115 -5.59 11.86 16.38
CA GLU A 115 -5.05 13.21 16.21
C GLU A 115 -3.53 13.20 16.13
N ARG A 116 -2.89 12.29 16.86
CA ARG A 116 -1.44 12.19 16.85
C ARG A 116 -0.97 11.66 15.50
N VAL A 117 -1.73 10.73 14.92
CA VAL A 117 -1.40 10.16 13.63
C VAL A 117 -1.46 11.24 12.55
N LYS A 118 -2.53 12.03 12.55
CA LYS A 118 -2.68 13.09 11.56
C LYS A 118 -1.50 14.06 11.72
N GLU A 119 -1.19 14.41 12.96
CA GLU A 119 -0.07 15.31 13.22
C GLU A 119 1.22 14.73 12.62
N GLY A 120 1.43 13.44 12.84
CA GLY A 120 2.62 12.79 12.31
C GLY A 120 2.68 12.76 10.79
N ALA A 121 1.57 12.39 10.16
CA ALA A 121 1.52 12.35 8.70
C ALA A 121 1.84 13.71 8.10
N LEU A 122 1.22 14.76 8.65
CA LEU A 122 1.46 16.11 8.14
C LEU A 122 2.90 16.57 8.36
N LYS A 123 3.48 16.22 9.50
CA LYS A 123 4.85 16.61 9.80
C LYS A 123 5.82 15.95 8.82
N ALA A 124 5.57 14.70 8.48
CA ALA A 124 6.43 13.99 7.54
C ALA A 124 6.40 14.66 6.17
N LEU A 125 5.21 15.04 5.73
CA LEU A 125 5.04 15.72 4.45
C LEU A 125 5.79 17.03 4.45
N ARG A 126 5.71 17.76 5.57
CA ARG A 126 6.39 19.05 5.67
C ARG A 126 7.90 18.87 5.66
N LEU A 127 8.40 17.92 6.44
CA LEU A 127 9.82 17.66 6.49
C LEU A 127 10.35 17.31 5.10
N ALA A 128 9.58 16.52 4.36
CA ALA A 128 10.00 16.10 3.03
C ALA A 128 9.81 17.19 1.98
N GLY A 129 9.13 18.28 2.36
CA GLY A 129 8.89 19.37 1.43
C GLY A 129 8.17 18.84 0.20
N VAL A 130 7.29 17.88 0.42
CA VAL A 130 6.53 17.27 -0.66
C VAL A 130 5.42 18.19 -1.18
N ARG A 131 5.27 18.22 -2.50
CA ARG A 131 4.23 19.01 -3.12
C ARG A 131 3.07 18.12 -3.49
N SER A 132 2.52 18.28 -4.69
CA SER A 132 1.41 17.46 -5.12
C SER A 132 1.87 16.04 -5.43
N ARG A 133 3.19 15.86 -5.47
CA ARG A 133 3.80 14.56 -5.77
C ARG A 133 5.08 14.43 -4.95
N PRO A 134 5.28 13.26 -4.29
CA PRO A 134 4.38 12.11 -4.26
C PRO A 134 3.20 12.29 -3.32
N VAL A 135 2.24 11.39 -3.41
CA VAL A 135 1.06 11.44 -2.57
C VAL A 135 1.18 10.38 -1.46
N LEU A 136 0.93 10.79 -0.22
CA LEU A 136 1.00 9.88 0.92
C LEU A 136 -0.37 9.22 1.10
N LEU A 137 -0.37 7.89 1.20
CA LEU A 137 -1.60 7.12 1.38
C LEU A 137 -1.61 6.48 2.75
N VAL A 138 -2.77 6.55 3.42
CA VAL A 138 -2.90 5.93 4.73
C VAL A 138 -3.80 4.71 4.55
N GLU A 139 -3.40 3.59 5.12
CA GLU A 139 -4.18 2.36 4.99
C GLU A 139 -5.18 2.19 6.11
N ASN A 140 -6.27 1.49 5.81
CA ASN A 140 -7.24 1.19 6.85
C ASN A 140 -6.59 0.00 7.56
N THR A 141 -6.97 -0.24 8.81
CA THR A 141 -6.37 -1.33 9.58
C THR A 141 -7.36 -2.33 10.15
N ALA A 142 -6.82 -3.40 10.73
CA ALA A 142 -7.63 -4.44 11.33
C ALA A 142 -8.27 -3.93 12.63
N GLY A 143 -7.73 -2.84 13.16
CA GLY A 143 -8.26 -2.27 14.38
C GLY A 143 -7.96 -3.07 15.63
N GLY A 144 -8.73 -2.84 16.68
CA GLY A 144 -8.50 -3.53 17.93
C GLY A 144 -7.44 -2.78 18.70
N GLY A 145 -7.24 -3.14 19.96
CA GLY A 145 -6.26 -2.46 20.77
C GLY A 145 -6.43 -0.96 20.61
N GLU A 146 -5.35 -0.27 20.21
CA GLU A 146 -5.40 1.16 20.02
C GLU A 146 -5.04 1.51 18.57
N LYS A 147 -5.17 0.53 17.68
CA LYS A 147 -4.88 0.76 16.28
C LYS A 147 -5.83 1.78 15.67
N VAL A 148 -5.27 2.69 14.89
CA VAL A 148 -6.03 3.74 14.23
C VAL A 148 -6.43 3.33 12.82
N GLY A 149 -7.54 3.88 12.34
CA GLY A 149 -7.99 3.61 10.98
C GLY A 149 -8.79 2.35 10.66
N ALA A 150 -9.47 1.77 11.64
CA ALA A 150 -10.27 0.57 11.37
C ALA A 150 -11.53 0.94 10.59
N ARG A 151 -12.14 2.07 10.97
CA ARG A 151 -13.35 2.56 10.32
C ARG A 151 -13.05 3.51 9.19
N PHE A 152 -13.75 3.35 8.06
CA PHE A 152 -13.51 4.23 6.93
C PHE A 152 -13.77 5.68 7.30
N GLU A 153 -14.75 5.92 8.18
CA GLU A 153 -15.06 7.29 8.60
C GLU A 153 -13.88 7.94 9.31
N GLU A 154 -13.09 7.13 10.02
CA GLU A 154 -11.94 7.69 10.72
C GLU A 154 -10.88 8.10 9.70
N LEU A 155 -10.71 7.28 8.67
CA LEU A 155 -9.74 7.60 7.62
C LEU A 155 -10.17 8.88 6.90
N ALA A 156 -11.47 9.04 6.69
CA ALA A 156 -11.97 10.22 6.01
C ALA A 156 -11.59 11.46 6.83
N TRP A 157 -11.68 11.37 8.15
CA TRP A 157 -11.31 12.50 8.99
C TRP A 157 -9.80 12.72 8.93
N LEU A 158 -9.04 11.64 8.97
CA LEU A 158 -7.58 11.70 8.93
C LEU A 158 -7.04 12.45 7.72
N VAL A 159 -7.66 12.23 6.56
CA VAL A 159 -7.21 12.89 5.34
C VAL A 159 -7.90 14.21 5.03
N ALA A 160 -8.95 14.54 5.79
CA ALA A 160 -9.67 15.78 5.58
C ALA A 160 -8.76 17.00 5.75
N ASP A 161 -8.87 17.95 4.83
CA ASP A 161 -8.08 19.17 4.84
C ASP A 161 -6.58 18.90 4.70
N THR A 162 -6.24 17.82 4.01
CA THR A 162 -4.83 17.45 3.78
C THR A 162 -4.73 16.86 2.38
N PRO A 163 -3.50 16.67 1.88
CA PRO A 163 -3.32 16.10 0.54
C PRO A 163 -3.21 14.57 0.64
N LEU A 164 -3.47 14.04 1.82
CA LEU A 164 -3.40 12.60 2.04
C LEU A 164 -4.53 11.89 1.33
N GLN A 165 -4.27 10.67 0.88
CA GLN A 165 -5.30 9.86 0.24
C GLN A 165 -5.31 8.52 0.94
N VAL A 166 -6.12 7.59 0.46
CA VAL A 166 -6.25 6.30 1.11
C VAL A 166 -5.89 5.07 0.31
N CYS A 167 -5.37 4.06 1.01
CA CYS A 167 -5.06 2.77 0.42
C CYS A 167 -5.96 1.77 1.13
N LEU A 168 -6.83 1.10 0.37
CA LEU A 168 -7.71 0.11 0.94
C LEU A 168 -7.03 -1.25 1.00
N ASP A 169 -6.98 -1.84 2.19
CA ASP A 169 -6.42 -3.18 2.32
C ASP A 169 -7.62 -4.06 2.67
N THR A 170 -7.94 -4.98 1.77
CA THR A 170 -9.07 -5.87 1.96
C THR A 170 -8.94 -6.84 3.13
N CYS A 171 -7.71 -7.24 3.45
CA CYS A 171 -7.49 -8.15 4.57
C CYS A 171 -7.78 -7.38 5.84
N HIS A 172 -7.23 -6.18 5.94
CA HIS A 172 -7.45 -5.34 7.12
C HIS A 172 -8.93 -5.05 7.31
N ALA A 173 -9.61 -4.73 6.21
CA ALA A 173 -11.04 -4.43 6.27
C ALA A 173 -11.83 -5.61 6.79
N TYR A 174 -11.52 -6.79 6.26
CA TYR A 174 -12.22 -8.01 6.67
C TYR A 174 -11.98 -8.25 8.15
N ALA A 175 -10.72 -8.13 8.59
CA ALA A 175 -10.39 -8.35 9.98
C ALA A 175 -11.07 -7.34 10.89
N ALA A 176 -11.35 -6.15 10.37
CA ALA A 176 -11.99 -5.10 11.15
C ALA A 176 -13.51 -5.27 11.25
N GLY A 177 -14.09 -6.07 10.35
CA GLY A 177 -15.53 -6.27 10.40
C GLY A 177 -16.27 -6.00 9.11
N TYR A 178 -15.56 -5.55 8.08
CA TYR A 178 -16.18 -5.29 6.79
C TYR A 178 -16.23 -6.61 6.03
N ASP A 179 -17.43 -7.09 5.74
CA ASP A 179 -17.58 -8.38 5.06
C ASP A 179 -17.21 -8.37 3.57
N VAL A 180 -15.92 -8.35 3.29
CA VAL A 180 -15.45 -8.36 1.90
C VAL A 180 -15.74 -9.69 1.21
N ALA A 181 -15.81 -10.76 2.00
CA ALA A 181 -16.07 -12.08 1.47
C ALA A 181 -17.47 -12.26 0.88
N GLU A 182 -18.48 -11.85 1.63
CA GLU A 182 -19.87 -12.00 1.20
C GLU A 182 -20.54 -10.75 0.66
N ASP A 183 -19.97 -9.58 0.96
CA ASP A 183 -20.56 -8.33 0.48
C ASP A 183 -19.51 -7.33 0.04
N PRO A 184 -18.63 -7.75 -0.90
CA PRO A 184 -17.57 -6.86 -1.39
C PRO A 184 -18.10 -5.55 -1.97
N LEU A 185 -19.24 -5.61 -2.64
CA LEU A 185 -19.85 -4.42 -3.24
C LEU A 185 -20.28 -3.45 -2.15
N GLY A 186 -20.84 -4.00 -1.07
CA GLY A 186 -21.29 -3.18 0.03
C GLY A 186 -20.14 -2.50 0.75
N VAL A 187 -19.01 -3.20 0.83
CA VAL A 187 -17.84 -2.65 1.48
C VAL A 187 -17.33 -1.47 0.66
N LEU A 188 -17.32 -1.62 -0.66
CA LEU A 188 -16.86 -0.53 -1.50
C LEU A 188 -17.86 0.63 -1.45
N ASP A 189 -19.14 0.32 -1.28
CA ASP A 189 -20.15 1.38 -1.21
C ASP A 189 -19.90 2.19 0.05
N ALA A 190 -19.55 1.49 1.14
CA ALA A 190 -19.27 2.14 2.42
C ALA A 190 -18.04 3.02 2.31
N LEU A 191 -17.02 2.52 1.61
CA LEU A 191 -15.79 3.28 1.46
C LEU A 191 -16.03 4.52 0.62
N ASP A 192 -16.86 4.41 -0.41
CA ASP A 192 -17.15 5.55 -1.26
C ASP A 192 -17.95 6.61 -0.53
N ARG A 193 -18.84 6.18 0.35
CA ARG A 193 -19.66 7.13 1.12
C ARG A 193 -18.83 7.86 2.16
N ALA A 194 -17.96 7.12 2.86
CA ALA A 194 -17.13 7.71 3.91
C ALA A 194 -15.91 8.48 3.40
N VAL A 195 -15.13 7.84 2.54
CA VAL A 195 -13.91 8.45 2.01
C VAL A 195 -14.05 9.01 0.60
N GLY A 196 -14.71 8.24 -0.25
CA GLY A 196 -14.88 8.63 -1.64
C GLY A 196 -13.83 7.86 -2.41
N LEU A 197 -14.27 6.98 -3.30
CA LEU A 197 -13.35 6.16 -4.06
C LEU A 197 -12.36 6.94 -4.93
N GLU A 198 -12.65 8.20 -5.21
CA GLU A 198 -11.73 8.99 -6.03
C GLU A 198 -10.43 9.23 -5.27
N ARG A 199 -10.46 9.02 -3.96
CA ARG A 199 -9.29 9.22 -3.12
C ARG A 199 -8.68 7.89 -2.67
N VAL A 200 -8.93 6.83 -3.44
CA VAL A 200 -8.38 5.50 -3.12
C VAL A 200 -7.68 5.01 -4.38
N PRO A 201 -6.48 5.53 -4.67
CA PRO A 201 -5.72 5.15 -5.85
C PRO A 201 -5.07 3.77 -5.84
N VAL A 202 -4.82 3.23 -4.65
CA VAL A 202 -4.17 1.94 -4.53
C VAL A 202 -4.92 1.02 -3.59
N VAL A 203 -4.99 -0.25 -3.96
CA VAL A 203 -5.65 -1.26 -3.15
C VAL A 203 -4.66 -2.37 -2.83
N HIS A 204 -4.53 -2.70 -1.55
CA HIS A 204 -3.68 -3.83 -1.16
C HIS A 204 -4.71 -4.97 -1.12
N LEU A 205 -4.77 -5.72 -2.21
CA LEU A 205 -5.72 -6.80 -2.39
C LEU A 205 -5.27 -8.10 -1.73
N ASN A 206 -5.09 -8.04 -0.42
CA ASN A 206 -4.67 -9.18 0.37
C ASN A 206 -5.84 -10.05 0.82
N ASP A 207 -5.69 -11.36 0.75
CA ASP A 207 -6.76 -12.22 1.25
C ASP A 207 -6.41 -12.29 2.74
N SER A 208 -7.28 -12.92 3.53
CA SER A 208 -7.08 -12.98 4.97
C SER A 208 -7.11 -14.36 5.59
N VAL A 209 -6.17 -14.61 6.50
CA VAL A 209 -6.13 -15.88 7.22
C VAL A 209 -7.15 -15.77 8.34
N GLY A 210 -7.25 -14.57 8.92
CA GLY A 210 -8.20 -14.33 9.99
C GLY A 210 -9.62 -14.19 9.52
N GLY A 211 -10.58 -14.46 10.40
CA GLY A 211 -11.98 -14.36 10.04
C GLY A 211 -12.56 -12.97 10.17
N LEU A 212 -13.82 -12.83 9.77
CA LEU A 212 -14.52 -11.56 9.82
C LEU A 212 -14.52 -10.94 11.21
N GLY A 213 -13.99 -9.73 11.32
CA GLY A 213 -13.94 -9.03 12.60
C GLY A 213 -13.03 -9.66 13.65
N SER A 214 -12.14 -10.54 13.23
CA SER A 214 -11.22 -11.21 14.15
C SER A 214 -10.07 -10.33 14.63
N ARG A 215 -9.87 -9.19 13.96
CA ARG A 215 -8.80 -8.27 14.30
C ARG A 215 -7.42 -8.87 14.01
N VAL A 216 -7.42 -9.99 13.31
CA VAL A 216 -6.17 -10.66 12.95
C VAL A 216 -5.69 -10.12 11.59
N ASP A 217 -4.44 -9.68 11.54
CA ASP A 217 -3.86 -9.14 10.32
C ASP A 217 -2.84 -10.16 9.80
N HIS A 218 -3.31 -11.09 8.99
CA HIS A 218 -2.46 -12.14 8.44
C HIS A 218 -2.84 -12.32 6.97
N HIS A 219 -2.03 -11.77 6.07
CA HIS A 219 -2.30 -11.85 4.64
C HIS A 219 -2.23 -13.27 4.10
N ALA A 220 -3.00 -13.53 3.06
CA ALA A 220 -3.02 -14.82 2.40
C ALA A 220 -3.05 -14.58 0.89
N HIS A 221 -2.47 -15.52 0.13
CA HIS A 221 -2.43 -15.43 -1.32
C HIS A 221 -3.86 -15.41 -1.87
N LEU A 222 -4.01 -15.02 -3.13
CA LEU A 222 -5.33 -15.00 -3.75
C LEU A 222 -5.93 -16.40 -3.72
N LEU A 223 -7.21 -16.46 -3.38
CA LEU A 223 -7.97 -17.71 -3.28
C LEU A 223 -7.53 -18.64 -2.14
N GLN A 224 -6.56 -18.21 -1.34
CA GLN A 224 -6.07 -19.04 -0.24
C GLN A 224 -6.50 -18.58 1.15
N GLY A 225 -7.34 -17.54 1.19
CA GLY A 225 -7.81 -17.02 2.46
C GLY A 225 -9.30 -17.14 2.65
N LYS A 226 -9.83 -16.41 3.62
CA LYS A 226 -11.26 -16.46 3.94
C LYS A 226 -12.13 -15.56 3.07
N ILE A 227 -11.51 -14.66 2.31
CA ILE A 227 -12.29 -13.78 1.45
C ILE A 227 -12.54 -14.45 0.11
N GLY A 228 -11.55 -15.20 -0.37
CA GLY A 228 -11.69 -15.92 -1.62
C GLY A 228 -12.10 -15.09 -2.83
N GLU A 229 -13.13 -15.55 -3.54
CA GLU A 229 -13.59 -14.86 -4.73
C GLU A 229 -14.13 -13.46 -4.44
N GLY A 230 -14.28 -13.13 -3.16
CA GLY A 230 -14.76 -11.81 -2.80
C GLY A 230 -13.78 -10.78 -3.35
N LEU A 231 -12.50 -11.15 -3.38
CA LEU A 231 -11.48 -10.24 -3.90
C LEU A 231 -11.61 -10.04 -5.40
N LYS A 232 -12.19 -11.04 -6.09
CA LYS A 232 -12.39 -10.93 -7.51
C LYS A 232 -13.38 -9.78 -7.76
N ARG A 233 -14.42 -9.72 -6.92
CA ARG A 233 -15.44 -8.69 -7.03
C ARG A 233 -14.88 -7.28 -6.76
N VAL A 234 -13.88 -7.20 -5.89
CA VAL A 234 -13.26 -5.91 -5.60
C VAL A 234 -12.35 -5.52 -6.77
N PHE A 235 -11.54 -6.47 -7.21
CA PHE A 235 -10.61 -6.25 -8.31
C PHE A 235 -11.33 -5.83 -9.59
N LEU A 236 -12.50 -6.42 -9.83
CA LEU A 236 -13.26 -6.13 -11.04
C LEU A 236 -14.39 -5.13 -10.87
N ASP A 237 -14.49 -4.49 -9.72
CA ASP A 237 -15.56 -3.51 -9.54
C ASP A 237 -15.32 -2.40 -10.55
N PRO A 238 -16.34 -2.06 -11.35
CA PRO A 238 -16.19 -1.00 -12.36
C PRO A 238 -15.66 0.33 -11.84
N ARG A 239 -15.90 0.62 -10.57
CA ARG A 239 -15.45 1.88 -10.00
C ARG A 239 -13.94 1.91 -9.76
N LEU A 240 -13.31 0.75 -9.77
CA LEU A 240 -11.88 0.66 -9.53
C LEU A 240 -11.09 0.20 -10.75
N LYS A 241 -11.73 0.18 -11.91
CA LYS A 241 -11.08 -0.29 -13.12
C LYS A 241 -9.77 0.41 -13.48
N ASP A 242 -9.58 1.64 -13.03
CA ASP A 242 -8.36 2.38 -13.35
C ASP A 242 -7.41 2.53 -12.16
N ARG A 243 -7.58 1.67 -11.16
CA ARG A 243 -6.74 1.76 -9.98
C ARG A 243 -5.60 0.76 -10.01
N VAL A 244 -4.75 0.84 -8.98
CA VAL A 244 -3.59 -0.04 -8.83
C VAL A 244 -3.81 -1.03 -7.71
N PHE A 245 -3.61 -2.32 -8.01
CA PHE A 245 -3.81 -3.37 -7.03
C PHE A 245 -2.48 -4.06 -6.74
N ILE A 246 -2.10 -4.10 -5.46
CA ILE A 246 -0.86 -4.73 -5.02
C ILE A 246 -1.13 -5.83 -4.00
N LEU A 247 -0.60 -7.03 -4.25
CA LEU A 247 -0.75 -8.15 -3.34
C LEU A 247 0.52 -8.15 -2.49
N GLU A 248 0.38 -8.38 -1.19
CA GLU A 248 1.52 -8.39 -0.28
C GLU A 248 1.58 -9.73 0.45
N THR A 249 2.14 -10.73 -0.21
CA THR A 249 2.25 -12.07 0.36
C THR A 249 3.61 -12.67 0.03
N PRO A 250 3.95 -13.81 0.63
CA PRO A 250 5.24 -14.46 0.36
C PRO A 250 5.57 -14.58 -1.14
N ARG A 251 6.83 -14.31 -1.47
CA ARG A 251 7.29 -14.33 -2.85
C ARG A 251 8.07 -15.59 -3.22
N GLY A 252 8.03 -15.94 -4.50
CA GLY A 252 8.77 -17.11 -4.96
C GLY A 252 8.20 -17.58 -6.28
N PRO A 253 8.94 -18.40 -7.05
CA PRO A 253 8.39 -18.85 -8.33
C PRO A 253 7.02 -19.52 -8.22
N GLU A 254 6.85 -20.43 -7.27
CA GLU A 254 5.58 -21.13 -7.09
C GLU A 254 4.48 -20.18 -6.64
N GLU A 255 4.77 -19.36 -5.63
CA GLU A 255 3.79 -18.40 -5.12
C GLU A 255 3.40 -17.36 -6.16
N ASP A 256 4.39 -16.83 -6.87
CA ASP A 256 4.14 -15.83 -7.89
C ASP A 256 3.30 -16.42 -9.03
N ALA A 257 3.63 -17.64 -9.47
CA ALA A 257 2.88 -18.26 -10.56
C ALA A 257 1.41 -18.39 -10.21
N TRP A 258 1.14 -18.84 -8.98
CA TRP A 258 -0.24 -19.00 -8.50
C TRP A 258 -0.98 -17.68 -8.54
N ASN A 259 -0.41 -16.67 -7.90
CA ASN A 259 -1.05 -15.36 -7.85
C ASN A 259 -1.23 -14.72 -9.22
N LEU A 260 -0.24 -14.82 -10.10
CA LEU A 260 -0.36 -14.24 -11.43
C LEU A 260 -1.45 -14.94 -12.23
N ARG A 261 -1.56 -16.26 -12.09
CA ARG A 261 -2.58 -17.00 -12.81
C ARG A 261 -3.98 -16.57 -12.35
N VAL A 262 -4.12 -16.29 -11.06
CA VAL A 262 -5.43 -15.84 -10.57
C VAL A 262 -5.71 -14.40 -11.03
N PHE A 263 -4.75 -13.50 -10.90
CA PHE A 263 -4.92 -12.11 -11.33
C PHE A 263 -5.33 -12.07 -12.79
N ARG A 264 -4.60 -12.82 -13.62
CA ARG A 264 -4.86 -12.84 -15.05
C ARG A 264 -6.18 -13.49 -15.43
N ALA A 265 -6.60 -14.50 -14.68
CA ALA A 265 -7.87 -15.15 -14.97
C ALA A 265 -8.97 -14.15 -14.68
N TRP A 266 -8.82 -13.43 -13.58
CA TRP A 266 -9.81 -12.42 -13.21
C TRP A 266 -9.85 -11.29 -14.22
N LEU A 267 -8.68 -10.83 -14.65
CA LEU A 267 -8.60 -9.74 -15.59
C LEU A 267 -9.36 -10.04 -16.89
N GLU A 268 -9.36 -11.31 -17.30
CA GLU A 268 -10.06 -11.72 -18.51
C GLU A 268 -11.57 -11.61 -18.35
N GLU A 269 -12.02 -11.53 -17.11
CA GLU A 269 -13.45 -11.45 -16.80
C GLU A 269 -13.94 -10.02 -16.62
N ALA A 270 -13.07 -9.05 -16.84
CA ALA A 270 -13.43 -7.64 -16.69
C ALA A 270 -14.57 -7.24 -17.61
#